data_6MMO
#
_entry.id   6MMO
#
_cell.length_a   46.737
_cell.length_b   51.332
_cell.length_c   66.803
_cell.angle_alpha   97.91
_cell.angle_beta   102.55
_cell.angle_gamma   103.09
#
_symmetry.space_group_name_H-M   'P 1'
#
loop_
_entity.id
_entity.type
_entity.pdbx_description
1 polymer 'Carbon regulatory PII-like protein SbtB'
2 non-polymer 'CHLORIDE ION'
3 non-polymer 'MAGNESIUM ION'
4 non-polymer 'ADENOSINE MONOPHOSPHATE'
5 water water
#
_entity_poly.entity_id   1
_entity_poly.type   'polypeptide(L)'
_entity_poly.pdbx_seq_one_letter_code
;SSQQVWKLVIITEEILLKKVSKIIKEAGASGYTVLAAAGEGSRNVRSTGEPSVSHAYSNIKFEVLTASRELADQIQDKVV
AKYFDDYSCITYISTVEALRAHKF
;
_entity_poly.pdbx_strand_id   A,B,C,D,E,F
#
# COMPACT_ATOMS: atom_id res chain seq x y z
N SER A 1 3.78 -0.25 17.75
CA SER A 1 3.18 -0.07 16.44
C SER A 1 3.72 -1.12 15.46
N SER A 2 3.42 -0.93 14.20
CA SER A 2 3.37 -2.07 13.29
C SER A 2 4.10 -1.73 12.01
N GLN A 3 4.43 -2.78 11.25
CA GLN A 3 5.10 -2.70 9.97
C GLN A 3 4.25 -3.46 8.95
N GLN A 4 4.23 -2.96 7.74
CA GLN A 4 3.44 -3.59 6.70
C GLN A 4 4.19 -4.80 6.16
N VAL A 5 3.51 -5.93 6.02
CA VAL A 5 4.18 -7.01 5.31
C VAL A 5 3.21 -7.58 4.28
N TRP A 6 3.78 -8.18 3.24
CA TRP A 6 2.97 -8.71 2.15
C TRP A 6 2.83 -10.22 2.35
N LYS A 7 1.64 -10.73 2.10
CA LYS A 7 1.38 -12.16 2.17
C LYS A 7 1.04 -12.68 0.78
N LEU A 8 1.93 -13.50 0.24
CA LEU A 8 1.68 -14.12 -1.07
C LEU A 8 1.08 -15.52 -0.91
N VAL A 9 -0.06 -15.80 -1.57
CA VAL A 9 -0.70 -17.12 -1.47
C VAL A 9 -0.53 -17.80 -2.85
N ILE A 10 -0.12 -19.07 -2.83
CA ILE A 10 -0.02 -19.90 -4.06
C ILE A 10 -0.70 -21.20 -3.72
N ILE A 11 -1.76 -21.52 -4.44
CA ILE A 11 -2.47 -22.77 -4.27
C ILE A 11 -2.17 -23.58 -5.53
N THR A 12 -1.62 -24.77 -5.35
CA THR A 12 -1.18 -25.54 -6.53
C THR A 12 -1.25 -27.03 -6.23
N GLU A 13 -0.86 -27.84 -7.21
CA GLU A 13 -0.92 -29.27 -6.99
C GLU A 13 0.14 -29.69 -6.02
N GLU A 14 -0.13 -30.78 -5.30
CA GLU A 14 0.81 -31.23 -4.28
C GLU A 14 2.14 -31.65 -4.88
N ILE A 15 2.13 -32.17 -6.12
CA ILE A 15 3.37 -32.60 -6.76
C ILE A 15 4.34 -31.44 -6.91
N LEU A 16 3.87 -30.19 -6.91
CA LEU A 16 4.81 -29.07 -7.04
C LEU A 16 5.46 -28.62 -5.70
N LEU A 17 5.28 -29.38 -4.61
CA LEU A 17 5.73 -28.96 -3.28
C LEU A 17 7.22 -28.65 -3.25
N LYS A 18 8.07 -29.58 -3.74
CA LYS A 18 9.53 -29.35 -3.73
C LYS A 18 9.97 -28.20 -4.62
N LYS A 19 9.43 -28.10 -5.85
CA LYS A 19 9.91 -27.08 -6.79
C LYS A 19 9.55 -25.66 -6.33
N VAL A 20 8.32 -25.49 -5.91
CA VAL A 20 7.86 -24.16 -5.46
C VAL A 20 8.53 -23.75 -4.15
N SER A 21 8.70 -24.68 -3.22
CA SER A 21 9.47 -24.33 -2.01
C SER A 21 10.86 -23.87 -2.38
N LYS A 22 11.51 -24.57 -3.31
CA LYS A 22 12.84 -24.14 -3.71
C LYS A 22 12.84 -22.76 -4.34
N ILE A 23 11.85 -22.46 -5.18
CA ILE A 23 11.75 -21.11 -5.74
C ILE A 23 11.55 -20.07 -4.62
N ILE A 24 10.67 -20.34 -3.68
CA ILE A 24 10.46 -19.37 -2.60
C ILE A 24 11.77 -19.10 -1.88
N LYS A 25 12.51 -20.18 -1.60
CA LYS A 25 13.72 -20.05 -0.80
C LYS A 25 14.85 -19.41 -1.58
N GLU A 26 15.04 -19.80 -2.87
CA GLU A 26 16.08 -19.17 -3.67
C GLU A 26 15.77 -17.71 -3.95
N ALA A 27 14.50 -17.29 -3.85
CA ALA A 27 14.22 -15.87 -4.04
C ALA A 27 14.55 -15.04 -2.81
N GLY A 28 14.88 -15.67 -1.69
CA GLY A 28 15.30 -14.95 -0.51
C GLY A 28 14.20 -14.73 0.52
N ALA A 29 13.06 -15.38 0.38
CA ALA A 29 12.06 -15.34 1.42
C ALA A 29 12.62 -15.93 2.71
N SER A 30 12.15 -15.39 3.84
CA SER A 30 12.63 -15.86 5.13
C SER A 30 11.99 -17.18 5.54
N GLY A 31 10.92 -17.57 4.87
CA GLY A 31 10.28 -18.83 5.15
C GLY A 31 8.99 -18.88 4.35
N TYR A 32 8.16 -19.84 4.71
CA TYR A 32 6.85 -20.01 4.10
C TYR A 32 6.14 -21.01 4.94
N THR A 33 4.84 -21.05 4.76
CA THR A 33 4.01 -21.98 5.45
C THR A 33 3.18 -22.70 4.43
N VAL A 34 3.03 -24.02 4.61
CA VAL A 34 2.23 -24.83 3.70
C VAL A 34 1.10 -25.47 4.46
N LEU A 35 -0.11 -25.43 3.89
CA LEU A 35 -1.27 -26.09 4.39
C LEU A 35 -1.81 -27.07 3.37
N ALA A 36 -2.31 -28.19 3.87
CA ALA A 36 -2.95 -29.18 3.02
C ALA A 36 -4.33 -28.70 2.63
N ALA A 37 -4.69 -28.89 1.37
CA ALA A 37 -5.90 -28.28 0.88
C ALA A 37 -6.56 -29.19 -0.13
N ALA A 38 -7.88 -29.02 -0.29
CA ALA A 38 -8.63 -29.60 -1.39
C ALA A 38 -9.38 -28.47 -2.09
N GLY A 39 -10.01 -28.77 -3.21
CA GLY A 39 -10.79 -27.75 -3.89
C GLY A 39 -11.09 -28.11 -5.32
N GLU A 40 -11.91 -27.26 -5.94
CA GLU A 40 -12.25 -27.35 -7.36
C GLU A 40 -11.95 -26.02 -8.02
N GLY A 41 -11.67 -26.07 -9.32
CA GLY A 41 -11.37 -24.87 -10.08
C GLY A 41 -11.92 -24.94 -11.49
N SER A 42 -11.35 -24.18 -12.40
CA SER A 42 -11.82 -24.15 -13.77
C SER A 42 -11.01 -25.10 -14.65
N ALA A 56 -9.83 -35.61 -2.26
CA ALA A 56 -9.20 -35.36 -0.96
C ALA A 56 -8.21 -34.20 -1.02
N TYR A 57 -7.36 -34.11 0.02
CA TYR A 57 -6.44 -32.99 0.17
C TYR A 57 -5.21 -33.20 -0.73
N SER A 58 -5.41 -33.01 -2.03
CA SER A 58 -4.32 -33.14 -2.99
C SER A 58 -3.80 -31.80 -3.51
N ASN A 59 -4.20 -30.66 -2.91
CA ASN A 59 -3.58 -29.38 -3.24
C ASN A 59 -2.79 -28.91 -2.03
N ILE A 60 -1.94 -27.91 -2.26
CA ILE A 60 -1.18 -27.32 -1.18
C ILE A 60 -1.36 -25.82 -1.31
N LYS A 61 -1.50 -25.16 -0.18
CA LYS A 61 -1.58 -23.71 -0.10
C LYS A 61 -0.30 -23.23 0.56
N PHE A 62 0.50 -22.50 -0.19
CA PHE A 62 1.65 -21.79 0.34
C PHE A 62 1.16 -20.42 0.84
N GLU A 63 1.73 -19.98 1.96
CA GLU A 63 1.60 -18.58 2.38
C GLU A 63 2.99 -18.07 2.61
N VAL A 64 3.37 -17.01 1.90
CA VAL A 64 4.71 -16.49 2.00
C VAL A 64 4.62 -15.04 2.44
N LEU A 65 5.26 -14.72 3.58
CA LEU A 65 5.28 -13.36 4.12
C LEU A 65 6.60 -12.71 3.79
N THR A 66 6.54 -11.49 3.25
CA THR A 66 7.75 -10.74 2.95
C THR A 66 7.54 -9.26 3.26
N ALA A 67 8.53 -8.61 3.83
CA ALA A 67 8.39 -7.15 3.96
C ALA A 67 8.63 -6.43 2.65
N SER A 68 8.93 -7.13 1.56
CA SER A 68 9.22 -6.47 0.30
C SER A 68 8.14 -6.81 -0.72
N ARG A 69 7.41 -5.81 -1.23
CA ARG A 69 6.39 -6.16 -2.21
C ARG A 69 7.06 -6.68 -3.47
N GLU A 70 8.33 -6.31 -3.65
CA GLU A 70 9.10 -6.67 -4.86
C GLU A 70 9.48 -8.14 -4.82
N LEU A 71 9.87 -8.65 -3.64
CA LEU A 71 10.15 -10.07 -3.49
C LEU A 71 8.90 -10.92 -3.72
N ALA A 72 7.75 -10.49 -3.20
CA ALA A 72 6.51 -11.21 -3.45
C ALA A 72 6.17 -11.27 -4.94
N ASP A 73 6.39 -10.16 -5.65
CA ASP A 73 6.16 -10.14 -7.11
C ASP A 73 7.12 -11.05 -7.85
N GLN A 74 8.40 -11.10 -7.46
CA GLN A 74 9.36 -11.99 -8.12
C GLN A 74 8.99 -13.46 -7.95
N ILE A 75 8.60 -13.83 -6.73
CA ILE A 75 8.17 -15.21 -6.51
C ILE A 75 6.95 -15.52 -7.33
N GLN A 76 5.95 -14.66 -7.24
CA GLN A 76 4.72 -14.93 -7.96
C GLN A 76 4.99 -15.02 -9.46
N ASP A 77 5.80 -14.12 -9.99
CA ASP A 77 6.08 -14.09 -11.44
C ASP A 77 6.76 -15.37 -11.88
N LYS A 78 7.77 -15.84 -11.14
CA LYS A 78 8.46 -17.06 -11.54
C LYS A 78 7.59 -18.32 -11.41
N VAL A 79 6.72 -18.41 -10.39
CA VAL A 79 5.89 -19.62 -10.26
C VAL A 79 4.81 -19.58 -11.34
N VAL A 80 4.33 -18.39 -11.67
CA VAL A 80 3.28 -18.33 -12.69
C VAL A 80 3.89 -18.70 -14.05
N ALA A 81 5.00 -18.06 -14.41
CA ALA A 81 5.67 -18.41 -15.70
C ALA A 81 5.95 -19.89 -15.83
N LYS A 82 6.44 -20.50 -14.76
CA LYS A 82 6.95 -21.84 -14.93
C LYS A 82 5.85 -22.87 -14.88
N TYR A 83 4.78 -22.65 -14.09
CA TYR A 83 3.84 -23.75 -13.84
C TYR A 83 2.38 -23.45 -14.11
N PHE A 84 2.00 -22.17 -14.32
CA PHE A 84 0.60 -21.85 -14.53
C PHE A 84 0.01 -22.52 -15.79
N ASP A 85 0.82 -22.70 -16.84
CA ASP A 85 0.26 -23.24 -18.09
C ASP A 85 -0.12 -24.70 -17.94
N ASP A 86 0.70 -25.49 -17.23
CA ASP A 86 0.58 -26.93 -17.16
C ASP A 86 0.01 -27.50 -15.85
N TYR A 87 -0.12 -26.70 -14.78
CA TYR A 87 -0.54 -27.20 -13.49
C TYR A 87 -1.69 -26.32 -12.97
N SER A 88 -2.58 -26.90 -12.22
CA SER A 88 -3.57 -26.13 -11.52
C SER A 88 -2.84 -25.26 -10.49
N CYS A 89 -2.97 -23.94 -10.63
CA CYS A 89 -2.30 -22.92 -9.83
C CYS A 89 -3.18 -21.69 -9.77
N ILE A 90 -3.47 -21.19 -8.55
CA ILE A 90 -3.99 -19.83 -8.41
C ILE A 90 -3.11 -19.04 -7.42
N THR A 91 -3.11 -17.72 -7.57
CA THR A 91 -2.23 -16.95 -6.70
C THR A 91 -2.88 -15.59 -6.41
N TYR A 92 -2.56 -15.02 -5.24
CA TYR A 92 -3.04 -13.68 -4.92
C TYR A 92 -2.17 -13.09 -3.83
N ILE A 93 -2.30 -11.77 -3.61
CA ILE A 93 -1.47 -11.07 -2.63
C ILE A 93 -2.36 -10.17 -1.76
N SER A 94 -2.02 -10.07 -0.49
CA SER A 94 -2.67 -9.11 0.41
C SER A 94 -1.64 -8.57 1.44
N THR A 95 -2.02 -7.53 2.19
N THR A 95 -2.03 -7.55 2.20
CA THR A 95 -1.12 -6.93 3.16
CA THR A 95 -1.10 -7.00 3.17
C THR A 95 -1.60 -7.27 4.56
C THR A 95 -1.59 -7.38 4.56
N VAL A 96 -0.64 -7.43 5.49
CA VAL A 96 -0.95 -7.69 6.88
C VAL A 96 -0.02 -6.78 7.69
N GLU A 97 -0.36 -6.59 8.97
CA GLU A 97 0.49 -5.83 9.89
C GLU A 97 1.21 -6.76 10.85
N ALA A 98 2.51 -6.51 11.05
CA ALA A 98 3.32 -7.29 11.96
C ALA A 98 4.02 -6.33 12.91
N LEU A 99 4.57 -6.87 13.99
CA LEU A 99 5.23 -6.06 15.00
C LEU A 99 6.53 -5.52 14.47
N ARG A 100 6.80 -4.25 14.82
CA ARG A 100 8.03 -3.64 14.33
C ARG A 100 9.26 -4.46 14.70
N ALA A 101 9.23 -5.14 15.85
CA ALA A 101 10.42 -5.85 16.33
C ALA A 101 10.73 -7.10 15.51
N HIS A 102 9.79 -7.59 14.72
CA HIS A 102 10.01 -8.85 14.01
C HIS A 102 10.53 -8.61 12.60
N LYS A 103 11.12 -9.65 12.02
CA LYS A 103 11.79 -9.58 10.72
C LYS A 103 11.14 -10.56 9.76
N PHE A 104 10.70 -10.04 8.61
CA PHE A 104 10.06 -10.85 7.58
C PHE A 104 10.77 -10.78 6.22
N SER B 2 -22.91 -6.16 8.68
CA SER B 2 -21.46 -6.17 8.50
C SER B 2 -20.74 -5.20 9.43
N GLN B 3 -19.51 -5.56 9.79
CA GLN B 3 -18.67 -4.69 10.59
C GLN B 3 -17.24 -5.17 10.51
N GLN B 4 -16.32 -4.22 10.66
CA GLN B 4 -14.90 -4.51 10.65
C GLN B 4 -14.52 -5.32 11.89
N VAL B 5 -13.82 -6.43 11.69
CA VAL B 5 -13.22 -7.15 12.81
C VAL B 5 -11.77 -7.43 12.45
N TRP B 6 -11.01 -7.85 13.46
CA TRP B 6 -9.58 -8.07 13.31
C TRP B 6 -9.28 -9.57 13.43
N LYS B 7 -8.33 -10.02 12.61
CA LYS B 7 -7.97 -11.44 12.52
C LYS B 7 -6.52 -11.52 12.92
N LEU B 8 -6.25 -12.19 14.04
CA LEU B 8 -4.89 -12.37 14.54
C LEU B 8 -4.48 -13.75 14.06
N VAL B 9 -3.29 -13.85 13.50
CA VAL B 9 -2.69 -15.13 13.12
C VAL B 9 -1.48 -15.39 13.99
N ILE B 10 -1.41 -16.59 14.57
CA ILE B 10 -0.19 -17.07 15.22
C ILE B 10 0.19 -18.42 14.59
N ILE B 11 1.41 -18.54 14.12
CA ILE B 11 1.93 -19.80 13.59
C ILE B 11 3.04 -20.27 14.50
N THR B 12 2.88 -21.46 15.09
CA THR B 12 3.81 -21.88 16.12
C THR B 12 3.87 -23.41 16.13
N GLU B 13 4.74 -23.96 16.98
CA GLU B 13 4.92 -25.43 17.04
C GLU B 13 3.71 -26.13 17.67
N GLU B 14 3.41 -27.33 17.16
CA GLU B 14 2.22 -28.03 17.64
C GLU B 14 2.30 -28.32 19.14
N ILE B 15 3.50 -28.35 19.72
CA ILE B 15 3.62 -28.59 21.15
C ILE B 15 3.05 -27.46 21.99
N LEU B 16 2.81 -26.28 21.40
CA LEU B 16 2.28 -25.15 22.14
C LEU B 16 0.77 -25.00 22.04
N LEU B 17 0.10 -25.93 21.37
CA LEU B 17 -1.33 -25.81 21.12
C LEU B 17 -2.09 -25.47 22.38
N LYS B 18 -2.08 -26.39 23.35
CA LYS B 18 -2.80 -26.20 24.61
C LYS B 18 -2.50 -24.86 25.26
N LYS B 19 -1.23 -24.48 25.31
CA LYS B 19 -0.85 -23.29 26.08
C LYS B 19 -1.19 -21.99 25.36
N VAL B 20 -1.20 -21.99 24.03
CA VAL B 20 -1.61 -20.80 23.30
C VAL B 20 -3.12 -20.64 23.34
N SER B 21 -3.85 -21.77 23.20
CA SER B 21 -5.31 -21.72 23.28
C SER B 21 -5.77 -21.18 24.64
N LYS B 22 -4.99 -21.43 25.71
CA LYS B 22 -5.34 -20.94 27.04
C LYS B 22 -5.17 -19.43 27.11
N ILE B 23 -4.03 -18.92 26.59
CA ILE B 23 -3.86 -17.48 26.45
C ILE B 23 -5.04 -16.88 25.69
N ILE B 24 -5.42 -17.53 24.58
CA ILE B 24 -6.47 -16.96 23.74
C ILE B 24 -7.77 -16.84 24.53
N LYS B 25 -8.21 -17.93 25.15
CA LYS B 25 -9.52 -17.93 25.81
C LYS B 25 -9.52 -17.14 27.11
N GLU B 26 -8.42 -17.23 27.88
CA GLU B 26 -8.31 -16.47 29.13
C GLU B 26 -8.30 -14.98 28.87
N ALA B 27 -7.82 -14.55 27.70
CA ALA B 27 -7.80 -13.14 27.33
C ALA B 27 -9.17 -12.64 26.94
N GLY B 28 -10.14 -13.51 26.71
CA GLY B 28 -11.48 -13.07 26.39
C GLY B 28 -11.88 -13.14 24.94
N ALA B 29 -11.08 -13.78 24.09
CA ALA B 29 -11.54 -14.03 22.74
C ALA B 29 -12.75 -14.96 22.78
N SER B 30 -13.66 -14.75 21.86
CA SER B 30 -14.81 -15.62 21.76
C SER B 30 -14.50 -17.00 21.17
N GLY B 31 -13.29 -17.25 20.68
CA GLY B 31 -13.01 -18.52 20.04
C GLY B 31 -11.73 -18.43 19.24
N TYR B 32 -11.42 -19.52 18.53
CA TYR B 32 -10.23 -19.53 17.69
C TYR B 32 -10.34 -20.71 16.72
N THR B 33 -9.56 -20.63 15.65
CA THR B 33 -9.50 -21.72 14.68
C THR B 33 -8.05 -22.15 14.54
N VAL B 34 -7.83 -23.43 14.27
CA VAL B 34 -6.46 -23.85 14.20
C VAL B 34 -6.35 -24.85 13.05
N LEU B 35 -5.31 -24.71 12.24
CA LEU B 35 -5.10 -25.53 11.04
C LEU B 35 -3.72 -26.13 11.18
N ALA B 36 -3.57 -27.40 10.78
CA ALA B 36 -2.25 -27.99 10.75
C ALA B 36 -1.43 -27.39 9.60
N ALA B 37 -0.14 -27.14 9.86
CA ALA B 37 0.68 -26.48 8.85
C ALA B 37 2.08 -27.09 8.86
N ALA B 38 2.77 -26.99 7.72
CA ALA B 38 4.18 -27.25 7.69
C ALA B 38 4.86 -25.97 7.18
N GLY B 39 6.18 -25.97 7.14
CA GLY B 39 6.87 -24.84 6.56
C GLY B 39 8.30 -24.81 7.00
N GLU B 40 9.00 -23.76 6.58
CA GLU B 40 10.39 -23.53 6.94
C GLU B 40 10.49 -22.09 7.41
N GLY B 41 11.48 -21.80 8.25
CA GLY B 41 11.68 -20.42 8.67
C GLY B 41 13.12 -20.00 8.86
N SER B 42 13.42 -19.33 9.98
CA SER B 42 14.80 -18.93 10.32
C SER B 42 15.24 -19.52 11.66
N ALA B 56 6.60 -33.31 8.78
CA ALA B 56 6.37 -32.10 8.01
C ALA B 56 5.35 -31.23 8.75
N TYR B 57 4.10 -31.69 8.82
CA TYR B 57 3.08 -30.78 9.36
C TYR B 57 3.23 -30.71 10.88
N SER B 58 4.38 -30.21 11.33
CA SER B 58 4.74 -30.04 12.74
C SER B 58 4.27 -28.71 13.33
N ASN B 59 3.61 -27.86 12.55
CA ASN B 59 3.20 -26.55 13.04
C ASN B 59 1.70 -26.46 13.11
N ILE B 60 1.22 -25.39 13.75
CA ILE B 60 -0.20 -25.10 13.78
C ILE B 60 -0.36 -23.59 13.53
N LYS B 61 -1.43 -23.22 12.85
CA LYS B 61 -1.75 -21.84 12.55
C LYS B 61 -3.04 -21.51 13.30
N PHE B 62 -2.93 -20.60 14.27
CA PHE B 62 -4.12 -20.03 14.93
C PHE B 62 -4.70 -18.89 14.11
N GLU B 63 -6.02 -18.86 13.94
CA GLU B 63 -6.69 -17.64 13.49
C GLU B 63 -7.70 -17.20 14.57
N VAL B 64 -7.59 -15.96 15.01
CA VAL B 64 -8.45 -15.47 16.14
C VAL B 64 -9.18 -14.24 15.65
N LEU B 65 -10.49 -14.32 15.52
CA LEU B 65 -11.23 -13.12 15.16
C LEU B 65 -11.60 -12.39 16.46
N THR B 66 -11.40 -11.10 16.47
CA THR B 66 -11.63 -10.24 17.64
C THR B 66 -12.38 -8.99 17.26
N ALA B 67 -13.23 -8.53 18.20
CA ALA B 67 -14.06 -7.38 17.90
C ALA B 67 -13.24 -6.11 17.91
N SER B 68 -12.11 -6.13 18.57
CA SER B 68 -11.29 -4.94 18.60
C SER B 68 -9.85 -5.28 18.28
N ARG B 69 -9.17 -4.30 17.69
CA ARG B 69 -7.73 -4.36 17.56
C ARG B 69 -7.07 -4.55 18.92
N GLU B 70 -7.53 -3.82 19.95
CA GLU B 70 -6.78 -3.91 21.18
C GLU B 70 -6.79 -5.31 21.74
N LEU B 71 -7.90 -6.02 21.65
CA LEU B 71 -7.89 -7.40 22.18
C LEU B 71 -6.91 -8.30 21.41
N ALA B 72 -6.90 -8.20 20.07
CA ALA B 72 -5.91 -8.92 19.24
C ALA B 72 -4.50 -8.56 19.66
N ASP B 73 -4.26 -7.26 19.93
CA ASP B 73 -2.94 -6.82 20.33
C ASP B 73 -2.56 -7.38 21.71
N GLN B 74 -3.49 -7.44 22.65
CA GLN B 74 -3.18 -8.02 23.98
C GLN B 74 -2.92 -9.54 23.92
N ILE B 75 -3.74 -10.28 23.17
CA ILE B 75 -3.41 -11.70 22.92
C ILE B 75 -2.02 -11.87 22.29
N GLN B 76 -1.72 -11.11 21.23
CA GLN B 76 -0.41 -11.25 20.58
C GLN B 76 0.72 -10.88 21.53
N ASP B 77 0.55 -9.81 22.33
CA ASP B 77 1.62 -9.40 23.24
C ASP B 77 1.96 -10.51 24.25
N LYS B 78 0.96 -11.22 24.72
CA LYS B 78 1.18 -12.26 25.72
C LYS B 78 1.81 -13.51 25.12
N VAL B 79 1.31 -14.01 23.97
CA VAL B 79 1.95 -15.20 23.38
C VAL B 79 3.38 -14.89 23.00
N VAL B 80 3.64 -13.69 22.45
CA VAL B 80 4.98 -13.32 22.06
C VAL B 80 5.90 -13.19 23.28
N ALA B 81 5.47 -12.47 24.31
CA ALA B 81 6.32 -12.32 25.50
C ALA B 81 6.69 -13.69 26.10
N LYS B 82 5.74 -14.62 26.14
CA LYS B 82 6.03 -15.95 26.68
C LYS B 82 6.85 -16.84 25.74
N TYR B 83 6.63 -16.79 24.41
CA TYR B 83 7.12 -17.88 23.55
C TYR B 83 7.99 -17.51 22.36
N PHE B 84 8.05 -16.24 21.96
CA PHE B 84 8.73 -15.88 20.73
C PHE B 84 10.22 -16.23 20.77
N ASP B 85 10.85 -16.14 21.95
CA ASP B 85 12.30 -16.29 21.97
C ASP B 85 12.74 -17.73 21.91
N ASP B 86 11.96 -18.66 22.46
CA ASP B 86 12.42 -20.03 22.57
C ASP B 86 11.73 -20.97 21.59
N TYR B 87 10.69 -20.50 20.88
CA TYR B 87 9.91 -21.36 20.00
C TYR B 87 9.67 -20.62 18.70
N SER B 88 9.25 -21.40 17.70
CA SER B 88 8.83 -20.82 16.41
C SER B 88 7.54 -20.07 16.62
N CYS B 89 7.55 -18.77 16.33
CA CYS B 89 6.40 -17.90 16.57
C CYS B 89 6.37 -16.80 15.49
N ILE B 90 5.44 -16.94 14.55
CA ILE B 90 5.15 -15.94 13.54
C ILE B 90 3.78 -15.38 13.89
N THR B 91 3.64 -14.05 13.86
N THR B 91 3.65 -14.05 13.98
CA THR B 91 2.33 -13.52 14.19
CA THR B 91 2.32 -13.50 14.23
C THR B 91 2.07 -12.26 13.39
C THR B 91 2.09 -12.27 13.35
N TYR B 92 0.85 -12.07 12.92
CA TYR B 92 0.51 -10.84 12.20
C TYR B 92 -0.99 -10.59 12.34
N ILE B 93 -1.44 -9.40 11.97
CA ILE B 93 -2.85 -9.07 12.12
C ILE B 93 -3.38 -8.44 10.83
N SER B 94 -4.66 -8.74 10.49
CA SER B 94 -5.33 -8.05 9.38
C SER B 94 -6.81 -7.81 9.72
N THR B 95 -7.53 -7.11 8.84
N THR B 95 -7.53 -7.09 8.87
CA THR B 95 -8.94 -6.84 9.06
CA THR B 95 -8.95 -6.82 9.08
C THR B 95 -9.78 -7.62 8.05
C THR B 95 -9.79 -7.58 8.07
N VAL B 96 -10.99 -7.99 8.48
CA VAL B 96 -12.00 -8.59 7.62
C VAL B 96 -13.34 -8.00 8.02
N GLU B 97 -14.35 -8.22 7.21
CA GLU B 97 -15.71 -7.78 7.49
C GLU B 97 -16.59 -8.98 7.79
N ALA B 98 -17.37 -8.91 8.85
CA ALA B 98 -18.26 -10.00 9.25
C ALA B 98 -19.70 -9.51 9.40
N SER C 2 -10.84 28.95 -12.48
CA SER C 2 -9.74 29.74 -11.94
C SER C 2 -10.00 30.11 -10.46
N GLN C 3 -9.53 29.31 -9.51
CA GLN C 3 -9.69 29.62 -8.10
C GLN C 3 -8.46 29.17 -7.30
N GLN C 4 -8.32 29.76 -6.11
CA GLN C 4 -7.26 29.39 -5.21
C GLN C 4 -7.71 28.20 -4.38
N VAL C 5 -6.89 27.15 -4.34
CA VAL C 5 -7.18 26.01 -3.48
C VAL C 5 -5.98 25.74 -2.59
N TRP C 6 -6.21 24.93 -1.56
CA TRP C 6 -5.15 24.46 -0.69
C TRP C 6 -4.71 23.05 -1.09
N LYS C 7 -3.41 22.84 -1.01
CA LYS C 7 -2.78 21.56 -1.20
C LYS C 7 -2.15 21.11 0.11
N LEU C 8 -2.66 20.03 0.69
CA LEU C 8 -2.10 19.45 1.89
C LEU C 8 -1.25 18.24 1.52
N VAL C 9 -0.01 18.20 2.00
CA VAL C 9 0.87 17.07 1.81
C VAL C 9 1.02 16.35 3.15
N ILE C 10 0.92 15.02 3.12
CA ILE C 10 1.21 14.14 4.24
C ILE C 10 2.18 13.07 3.76
N ILE C 11 3.32 12.97 4.43
CA ILE C 11 4.29 11.93 4.08
C ILE C 11 4.35 11.01 5.30
N THR C 12 4.13 9.71 5.08
CA THR C 12 4.06 8.80 6.22
C THR C 12 4.44 7.39 5.76
N GLU C 13 4.39 6.45 6.70
CA GLU C 13 4.74 5.06 6.41
C GLU C 13 3.64 4.36 5.60
N GLU C 14 4.08 3.38 4.78
CA GLU C 14 3.18 2.65 3.86
C GLU C 14 2.02 2.00 4.55
N ILE C 15 2.22 1.53 5.79
CA ILE C 15 1.15 0.85 6.50
C ILE C 15 -0.05 1.74 6.73
N LEU C 16 0.13 3.07 6.66
CA LEU C 16 -0.97 3.97 6.92
C LEU C 16 -1.80 4.30 5.69
N LEU C 17 -1.55 3.64 4.55
CA LEU C 17 -2.16 4.03 3.27
C LEU C 17 -3.69 4.02 3.35
N LYS C 18 -4.26 2.91 3.80
CA LYS C 18 -5.73 2.84 3.86
C LYS C 18 -6.33 3.65 5.02
N LYS C 19 -5.60 3.81 6.14
CA LYS C 19 -6.10 4.59 7.27
C LYS C 19 -6.19 6.07 6.96
N VAL C 20 -5.20 6.59 6.24
CA VAL C 20 -5.20 8.00 5.95
C VAL C 20 -6.21 8.32 4.85
N SER C 21 -6.19 7.52 3.76
CA SER C 21 -7.26 7.57 2.76
C SER C 21 -8.62 7.72 3.43
N LYS C 22 -8.94 6.84 4.38
CA LYS C 22 -10.26 6.90 5.00
C LYS C 22 -10.49 8.22 5.73
N ILE C 23 -9.50 8.70 6.48
CA ILE C 23 -9.68 9.98 7.14
C ILE C 23 -9.93 11.07 6.11
N ILE C 24 -9.27 10.97 4.96
CA ILE C 24 -9.42 12.02 3.94
C ILE C 24 -10.82 12.01 3.35
N LYS C 25 -11.33 10.82 3.11
CA LYS C 25 -12.62 10.72 2.46
C LYS C 25 -13.74 11.02 3.46
N GLU C 26 -13.57 10.58 4.71
CA GLU C 26 -14.56 10.84 5.77
C GLU C 26 -14.70 12.33 6.03
N ALA C 27 -13.59 13.07 5.99
CA ALA C 27 -13.58 14.52 6.10
C ALA C 27 -14.21 15.25 4.93
N GLY C 28 -14.57 14.56 3.85
CA GLY C 28 -15.29 15.17 2.75
C GLY C 28 -14.46 15.68 1.58
N ALA C 29 -13.14 15.48 1.59
CA ALA C 29 -12.32 15.91 0.46
C ALA C 29 -12.75 15.20 -0.83
N SER C 30 -12.51 15.83 -1.97
CA SER C 30 -13.03 15.29 -3.23
C SER C 30 -12.15 14.16 -3.80
N GLY C 31 -10.90 14.07 -3.38
CA GLY C 31 -10.04 12.97 -3.73
C GLY C 31 -8.67 13.16 -3.11
N TYR C 32 -7.70 12.33 -3.54
CA TYR C 32 -6.34 12.51 -3.07
C TYR C 32 -5.43 11.83 -4.09
N THR C 33 -4.18 12.24 -4.09
CA THR C 33 -3.16 11.59 -4.88
C THR C 33 -2.13 11.02 -3.95
N VAL C 34 -1.63 9.81 -4.25
CA VAL C 34 -0.58 9.24 -3.43
C VAL C 34 0.58 8.75 -4.29
N LEU C 35 1.79 9.09 -3.86
CA LEU C 35 3.02 8.75 -4.54
C LEU C 35 3.91 7.89 -3.64
N ALA C 36 4.55 6.88 -4.25
CA ALA C 36 5.59 6.14 -3.54
C ALA C 36 6.84 7.01 -3.47
N ALA C 37 7.47 7.02 -2.32
CA ALA C 37 8.67 7.81 -2.11
C ALA C 37 9.57 7.07 -1.16
N ALA C 38 10.62 7.74 -0.74
CA ALA C 38 11.55 7.25 0.28
C ALA C 38 12.19 8.48 0.88
N GLY C 39 12.83 8.29 2.01
CA GLY C 39 13.45 9.44 2.61
C GLY C 39 14.15 9.04 3.89
N GLU C 40 14.86 10.00 4.43
CA GLU C 40 15.42 9.93 5.77
C GLU C 40 14.94 11.14 6.53
N GLY C 41 14.73 10.98 7.84
CA GLY C 41 14.30 12.09 8.65
C GLY C 41 14.97 12.10 10.01
N SER C 42 14.23 12.56 11.03
CA SER C 42 14.71 12.63 12.41
C SER C 42 13.78 11.77 13.26
N ARG C 43 14.25 10.59 13.65
CA ARG C 43 13.42 9.60 14.36
C ARG C 43 12.96 10.08 15.73
N TYR C 57 13.67 2.44 3.46
CA TYR C 57 13.46 3.88 3.54
C TYR C 57 12.15 4.32 2.87
N SER C 58 11.35 3.36 2.38
N SER C 58 11.36 3.34 2.41
CA SER C 58 10.19 3.67 1.54
CA SER C 58 10.16 3.63 1.65
C SER C 58 8.96 4.08 2.35
C SER C 58 9.06 4.25 2.52
N ASN C 59 8.30 5.16 1.90
CA ASN C 59 7.15 5.82 2.51
C ASN C 59 6.12 6.08 1.40
N ILE C 60 5.04 6.80 1.74
CA ILE C 60 4.07 7.32 0.78
C ILE C 60 3.88 8.82 1.00
N LYS C 61 3.55 9.52 -0.09
CA LYS C 61 3.31 10.94 -0.08
C LYS C 61 1.89 11.18 -0.56
N PHE C 62 1.03 11.68 0.34
CA PHE C 62 -0.33 12.07 0.01
C PHE C 62 -0.32 13.54 -0.40
N GLU C 63 -1.12 13.89 -1.43
CA GLU C 63 -1.41 15.29 -1.82
C GLU C 63 -2.92 15.41 -1.86
N VAL C 64 -3.49 16.35 -1.10
CA VAL C 64 -4.93 16.54 -1.01
C VAL C 64 -5.19 18.00 -1.34
N LEU C 65 -5.96 18.25 -2.41
CA LEU C 65 -6.41 19.59 -2.76
C LEU C 65 -7.79 19.82 -2.17
N THR C 66 -7.99 20.98 -1.53
CA THR C 66 -9.28 21.35 -0.91
C THR C 66 -9.55 22.83 -1.17
N ALA C 67 -10.79 23.16 -1.52
CA ALA C 67 -11.11 24.56 -1.73
C ALA C 67 -11.19 25.34 -0.43
N SER C 68 -11.17 24.69 0.73
CA SER C 68 -11.30 25.41 1.99
C SER C 68 -10.17 25.03 2.92
N ARG C 69 -9.46 26.05 3.41
CA ARG C 69 -8.40 25.87 4.39
C ARG C 69 -8.89 25.10 5.61
N GLU C 70 -10.17 25.28 5.97
CA GLU C 70 -10.77 24.57 7.10
C GLU C 70 -10.66 23.06 6.93
N LEU C 71 -11.10 22.55 5.77
CA LEU C 71 -11.07 21.12 5.50
C LEU C 71 -9.64 20.58 5.59
N ALA C 72 -8.71 21.28 4.96
CA ALA C 72 -7.31 20.86 5.00
C ALA C 72 -6.81 20.75 6.43
N ASP C 73 -7.08 21.76 7.26
CA ASP C 73 -6.63 21.77 8.65
C ASP C 73 -7.25 20.63 9.46
N GLN C 74 -8.52 20.34 9.19
CA GLN C 74 -9.21 19.25 9.85
C GLN C 74 -8.60 17.88 9.51
N ILE C 75 -8.28 17.65 8.22
CA ILE C 75 -7.57 16.43 7.86
C ILE C 75 -6.24 16.36 8.58
N GLN C 76 -5.45 17.42 8.46
CA GLN C 76 -4.11 17.40 9.02
C GLN C 76 -4.15 17.14 10.53
N ASP C 77 -5.04 17.85 11.24
CA ASP C 77 -5.23 17.67 12.69
C ASP C 77 -5.49 16.23 13.05
N LYS C 78 -6.42 15.59 12.33
CA LYS C 78 -6.82 14.23 12.68
C LYS C 78 -5.69 13.25 12.39
N VAL C 79 -4.99 13.41 11.27
CA VAL C 79 -3.92 12.46 10.97
C VAL C 79 -2.79 12.60 11.99
N VAL C 80 -2.44 13.81 12.37
CA VAL C 80 -1.31 13.99 13.26
C VAL C 80 -1.67 13.53 14.67
N ALA C 81 -2.88 13.84 15.12
CA ALA C 81 -3.29 13.40 16.46
C ALA C 81 -3.33 11.88 16.55
N LYS C 82 -3.80 11.22 15.51
CA LYS C 82 -4.00 9.78 15.56
C LYS C 82 -2.72 8.97 15.38
N TYR C 83 -1.75 9.46 14.60
CA TYR C 83 -0.70 8.57 14.09
C TYR C 83 0.70 9.07 14.36
N PHE C 84 0.90 10.38 14.61
CA PHE C 84 2.23 10.96 14.68
C PHE C 84 3.06 10.40 15.84
N ASP C 85 2.41 10.01 16.94
CA ASP C 85 3.17 9.50 18.08
C ASP C 85 3.83 8.19 17.72
N ASP C 86 3.16 7.38 16.91
CA ASP C 86 3.62 6.01 16.69
C ASP C 86 4.20 5.75 15.30
N TYR C 87 3.98 6.65 14.34
CA TYR C 87 4.49 6.49 12.98
C TYR C 87 5.18 7.78 12.55
N SER C 88 6.16 7.66 11.67
CA SER C 88 6.63 8.83 10.92
C SER C 88 5.45 9.54 10.25
N CYS C 89 5.57 10.86 10.11
N CYS C 89 5.55 10.87 10.18
CA CYS C 89 4.46 11.68 9.65
CA CYS C 89 4.44 11.70 9.75
C CYS C 89 4.88 13.14 9.64
C CYS C 89 4.92 13.15 9.66
N ILE C 90 5.10 13.67 8.46
CA ILE C 90 5.35 15.09 8.28
C ILE C 90 4.29 15.60 7.35
N THR C 91 3.92 16.88 7.51
N THR C 91 3.83 16.84 7.61
CA THR C 91 2.79 17.43 6.80
CA THR C 91 2.76 17.45 6.86
C THR C 91 2.95 18.94 6.66
C THR C 91 3.13 18.91 6.57
N TYR C 92 2.53 19.46 5.52
CA TYR C 92 2.64 20.89 5.25
C TYR C 92 1.55 21.24 4.27
N ILE C 93 1.37 22.55 4.07
CA ILE C 93 0.25 23.07 3.30
C ILE C 93 0.78 24.21 2.43
N SER C 94 0.20 24.33 1.23
CA SER C 94 0.48 25.47 0.36
C SER C 94 -0.76 25.75 -0.47
N THR C 95 -0.64 26.73 -1.35
N THR C 95 -0.66 26.73 -1.35
CA THR C 95 -1.72 27.14 -2.23
CA THR C 95 -1.77 27.11 -2.21
C THR C 95 -1.32 26.86 -3.68
C THR C 95 -1.34 26.86 -3.66
N VAL C 96 -2.32 26.52 -4.49
CA VAL C 96 -2.16 26.40 -5.93
C VAL C 96 -3.39 27.02 -6.58
N GLU C 97 -3.30 27.23 -7.89
CA GLU C 97 -4.41 27.74 -8.68
C GLU C 97 -4.97 26.61 -9.52
N ALA C 98 -6.26 26.34 -9.38
CA ALA C 98 -6.90 25.23 -10.06
C ALA C 98 -8.03 25.74 -10.95
N LEU C 99 -8.34 24.97 -12.00
CA LEU C 99 -9.44 25.31 -12.89
C LEU C 99 -10.75 25.09 -12.16
N ARG C 100 -11.54 26.16 -12.01
CA ARG C 100 -12.77 26.11 -11.22
C ARG C 100 -13.68 24.96 -11.69
N ALA C 101 -13.92 24.87 -12.99
CA ALA C 101 -14.85 23.87 -13.51
C ALA C 101 -14.21 22.48 -13.50
N SER D 2 -3.33 -6.99 -12.39
CA SER D 2 -3.79 -6.52 -11.07
C SER D 2 -5.28 -6.19 -11.05
N GLN D 3 -6.06 -7.00 -10.35
CA GLN D 3 -7.46 -6.71 -10.10
C GLN D 3 -7.77 -7.03 -8.63
N GLN D 4 -8.72 -6.28 -8.05
CA GLN D 4 -9.21 -6.52 -6.70
C GLN D 4 -10.21 -7.66 -6.73
N VAL D 5 -10.06 -8.61 -5.82
CA VAL D 5 -10.91 -9.79 -5.71
C VAL D 5 -11.38 -9.93 -4.27
N TRP D 6 -12.58 -10.50 -4.08
CA TRP D 6 -13.12 -10.77 -2.76
C TRP D 6 -12.89 -12.22 -2.34
N LYS D 7 -12.44 -12.37 -1.10
CA LYS D 7 -12.25 -13.68 -0.48
C LYS D 7 -13.33 -13.89 0.57
N LEU D 8 -14.21 -14.86 0.35
CA LEU D 8 -15.24 -15.27 1.30
C LEU D 8 -14.74 -16.50 2.05
N VAL D 9 -14.66 -16.39 3.37
CA VAL D 9 -14.38 -17.54 4.23
C VAL D 9 -15.66 -18.02 4.88
N ILE D 10 -15.85 -19.34 4.90
CA ILE D 10 -16.95 -20.00 5.61
C ILE D 10 -16.36 -21.14 6.42
N ILE D 11 -16.43 -21.05 7.73
CA ILE D 11 -15.96 -22.11 8.61
C ILE D 11 -17.20 -22.81 9.14
N THR D 12 -17.29 -24.11 8.90
CA THR D 12 -18.50 -24.81 9.29
C THR D 12 -18.16 -26.24 9.66
N GLU D 13 -19.18 -27.08 9.85
CA GLU D 13 -18.95 -28.46 10.22
C GLU D 13 -18.65 -29.28 8.97
N GLU D 14 -17.73 -30.25 9.13
CA GLU D 14 -17.33 -31.10 8.02
C GLU D 14 -18.55 -31.68 7.30
N ILE D 15 -19.60 -32.03 8.04
CA ILE D 15 -20.75 -32.71 7.45
C ILE D 15 -21.45 -31.86 6.40
N LEU D 16 -21.17 -30.56 6.36
CA LEU D 16 -21.82 -29.70 5.38
C LEU D 16 -20.99 -29.57 4.11
N LEU D 17 -19.85 -30.27 4.04
CA LEU D 17 -18.94 -30.17 2.90
C LEU D 17 -19.71 -30.20 1.59
N LYS D 18 -20.48 -31.25 1.36
CA LYS D 18 -21.08 -31.39 0.03
C LYS D 18 -22.15 -30.34 -0.20
N LYS D 19 -22.97 -30.07 0.82
CA LYS D 19 -24.07 -29.13 0.64
C LYS D 19 -23.58 -27.69 0.42
N VAL D 20 -22.54 -27.27 1.16
CA VAL D 20 -22.05 -25.91 0.94
C VAL D 20 -21.29 -25.80 -0.39
N SER D 21 -20.50 -26.82 -0.75
CA SER D 21 -19.85 -26.81 -2.07
C SER D 21 -20.87 -26.64 -3.19
N LYS D 22 -22.05 -27.27 -3.03
CA LYS D 22 -23.12 -27.12 -4.01
C LYS D 22 -23.66 -25.69 -4.07
N ILE D 23 -23.82 -25.04 -2.90
CA ILE D 23 -24.29 -23.66 -2.86
C ILE D 23 -23.29 -22.74 -3.54
N ILE D 24 -21.99 -22.97 -3.31
CA ILE D 24 -20.94 -22.15 -3.92
C ILE D 24 -20.93 -22.33 -5.43
N LYS D 25 -21.02 -23.57 -5.87
CA LYS D 25 -20.95 -23.81 -7.31
C LYS D 25 -22.21 -23.34 -8.00
N GLU D 26 -23.36 -23.41 -7.32
CA GLU D 26 -24.62 -23.04 -7.96
C GLU D 26 -24.73 -21.54 -8.16
N ALA D 27 -24.08 -20.76 -7.29
CA ALA D 27 -24.15 -19.31 -7.38
C ALA D 27 -23.28 -18.74 -8.49
N GLY D 28 -22.44 -19.56 -9.11
CA GLY D 28 -21.62 -19.11 -10.20
C GLY D 28 -20.19 -18.76 -9.85
N ALA D 29 -19.64 -19.28 -8.75
CA ALA D 29 -18.23 -19.08 -8.41
C ALA D 29 -17.34 -20.06 -9.18
N SER D 30 -16.19 -19.56 -9.62
CA SER D 30 -15.30 -20.32 -10.46
C SER D 30 -14.65 -21.48 -9.74
N GLY D 31 -14.75 -21.53 -8.41
CA GLY D 31 -14.18 -22.63 -7.65
C GLY D 31 -14.12 -22.29 -6.17
N TYR D 32 -13.29 -23.04 -5.45
CA TYR D 32 -13.18 -22.81 -4.01
C TYR D 32 -12.06 -23.68 -3.48
N THR D 33 -11.57 -23.31 -2.31
CA THR D 33 -10.58 -24.07 -1.55
C THR D 33 -11.10 -24.46 -0.18
N VAL D 34 -10.78 -25.69 0.25
CA VAL D 34 -11.25 -26.16 1.54
C VAL D 34 -10.05 -26.69 2.31
N LEU D 35 -9.99 -26.33 3.58
CA LEU D 35 -8.93 -26.77 4.47
C LEU D 35 -9.53 -27.44 5.72
N ALA D 36 -8.84 -28.44 6.22
CA ALA D 36 -9.22 -29.02 7.50
C ALA D 36 -8.93 -28.08 8.66
N ALA D 37 -9.85 -28.02 9.62
CA ALA D 37 -9.64 -27.09 10.72
C ALA D 37 -10.20 -27.68 12.02
N ALA D 38 -9.78 -27.12 13.14
CA ALA D 38 -10.44 -27.37 14.41
C ALA D 38 -10.53 -26.02 15.10
N GLY D 39 -11.40 -25.90 16.08
CA GLY D 39 -11.40 -24.68 16.85
C GLY D 39 -12.39 -24.76 18.00
N GLU D 40 -12.51 -23.64 18.71
CA GLU D 40 -13.57 -23.46 19.71
C GLU D 40 -14.32 -22.19 19.37
N GLY D 41 -15.58 -22.13 19.80
CA GLY D 41 -16.41 -20.97 19.62
C GLY D 41 -17.43 -20.80 20.75
N SER D 42 -18.63 -20.33 20.40
CA SER D 42 -19.73 -20.20 21.35
C SER D 42 -20.45 -21.53 21.58
N ARG D 43 -21.10 -22.07 20.53
CA ARG D 43 -21.82 -23.34 20.63
C ARG D 43 -20.87 -24.45 21.08
N TYR D 57 -9.59 -33.03 14.74
CA TYR D 57 -10.04 -31.91 13.93
C TYR D 57 -11.51 -32.12 13.51
N SER D 58 -12.26 -31.04 13.44
CA SER D 58 -13.71 -31.13 13.47
C SER D 58 -14.38 -30.48 12.29
N ASN D 59 -13.82 -29.37 11.79
CA ASN D 59 -14.53 -28.48 10.90
C ASN D 59 -13.75 -28.27 9.61
N ILE D 60 -14.39 -27.57 8.68
CA ILE D 60 -13.77 -27.23 7.40
C ILE D 60 -13.80 -25.73 7.22
N LYS D 61 -12.74 -25.18 6.65
CA LYS D 61 -12.66 -23.77 6.27
C LYS D 61 -12.77 -23.68 4.76
N PHE D 62 -13.85 -23.06 4.27
CA PHE D 62 -13.96 -22.73 2.83
C PHE D 62 -13.34 -21.37 2.56
N GLU D 63 -12.64 -21.26 1.42
CA GLU D 63 -12.17 -20.02 0.87
C GLU D 63 -12.64 -19.91 -0.57
N VAL D 64 -13.43 -18.88 -0.86
CA VAL D 64 -14.02 -18.67 -2.18
C VAL D 64 -13.61 -17.31 -2.69
N LEU D 65 -12.98 -17.28 -3.86
CA LEU D 65 -12.58 -16.03 -4.49
C LEU D 65 -13.57 -15.71 -5.60
N THR D 66 -14.00 -14.45 -5.64
CA THR D 66 -15.07 -13.95 -6.50
C THR D 66 -14.72 -12.54 -6.93
N ALA D 67 -14.68 -12.29 -8.26
CA ALA D 67 -14.38 -10.96 -8.75
C ALA D 67 -15.39 -9.88 -8.35
N SER D 68 -16.61 -10.24 -8.00
CA SER D 68 -17.61 -9.26 -7.63
C SER D 68 -18.03 -9.44 -6.17
N ARG D 69 -18.15 -8.33 -5.45
CA ARG D 69 -18.63 -8.42 -4.07
C ARG D 69 -20.04 -8.97 -4.01
N GLU D 70 -20.83 -8.80 -5.08
CA GLU D 70 -22.23 -9.21 -5.03
C GLU D 70 -22.37 -10.72 -4.91
N LEU D 71 -21.52 -11.47 -5.63
CA LEU D 71 -21.60 -12.93 -5.58
C LEU D 71 -21.12 -13.45 -4.23
N ALA D 72 -20.04 -12.85 -3.71
CA ALA D 72 -19.63 -13.13 -2.33
C ALA D 72 -20.80 -12.99 -1.36
N ASP D 73 -21.50 -11.87 -1.41
CA ASP D 73 -22.63 -11.67 -0.49
C ASP D 73 -23.75 -12.66 -0.78
N GLN D 74 -24.03 -12.88 -2.06
CA GLN D 74 -25.05 -13.85 -2.48
C GLN D 74 -24.80 -15.23 -1.87
N ILE D 75 -23.58 -15.75 -2.06
CA ILE D 75 -23.23 -17.07 -1.51
C ILE D 75 -23.33 -17.06 0.00
N GLN D 76 -22.86 -15.98 0.63
CA GLN D 76 -22.94 -15.87 2.09
C GLN D 76 -24.39 -15.87 2.57
N ASP D 77 -25.27 -15.09 1.91
CA ASP D 77 -26.68 -15.08 2.28
C ASP D 77 -27.24 -16.49 2.30
N LYS D 78 -27.04 -17.23 1.19
CA LYS D 78 -27.63 -18.55 1.08
C LYS D 78 -27.17 -19.46 2.21
N VAL D 79 -25.86 -19.58 2.41
CA VAL D 79 -25.36 -20.53 3.38
C VAL D 79 -25.81 -20.13 4.79
N VAL D 80 -25.85 -18.83 5.06
CA VAL D 80 -26.24 -18.37 6.40
C VAL D 80 -27.71 -18.70 6.66
N ALA D 81 -28.59 -18.25 5.76
CA ALA D 81 -30.01 -18.55 5.90
C ALA D 81 -30.26 -20.04 6.19
N LYS D 82 -29.61 -20.91 5.42
CA LYS D 82 -29.95 -22.32 5.45
C LYS D 82 -29.28 -23.10 6.58
N TYR D 83 -28.13 -22.67 7.07
CA TYR D 83 -27.40 -23.51 8.03
C TYR D 83 -26.94 -22.79 9.28
N PHE D 84 -27.11 -21.47 9.38
CA PHE D 84 -26.52 -20.74 10.49
C PHE D 84 -27.11 -21.19 11.82
N ASP D 85 -28.43 -21.10 11.96
CA ASP D 85 -29.03 -21.31 13.28
C ASP D 85 -28.98 -22.76 13.73
N ASP D 86 -28.77 -23.69 12.79
CA ASP D 86 -28.72 -25.12 13.13
C ASP D 86 -27.29 -25.66 13.26
N TYR D 87 -26.30 -25.01 12.62
CA TYR D 87 -24.96 -25.58 12.50
C TYR D 87 -23.88 -24.60 12.98
N SER D 88 -22.78 -25.15 13.48
CA SER D 88 -21.60 -24.35 13.79
C SER D 88 -21.11 -23.70 12.51
N CYS D 89 -20.95 -22.38 12.52
CA CYS D 89 -20.81 -21.69 11.24
C CYS D 89 -20.39 -20.24 11.45
N ILE D 90 -19.19 -19.86 10.97
CA ILE D 90 -18.78 -18.46 10.98
C ILE D 90 -18.38 -18.08 9.57
N THR D 91 -18.38 -16.79 9.29
CA THR D 91 -18.13 -16.37 7.92
C THR D 91 -17.72 -14.89 7.88
N TYR D 92 -16.76 -14.55 7.00
CA TYR D 92 -16.27 -13.18 6.81
C TYR D 92 -15.69 -12.99 5.41
N ILE D 93 -15.52 -11.73 5.02
CA ILE D 93 -15.07 -11.36 3.67
C ILE D 93 -13.92 -10.36 3.78
N SER D 94 -12.88 -10.58 3.01
CA SER D 94 -11.77 -9.65 2.85
C SER D 94 -11.48 -9.45 1.37
N THR D 95 -10.55 -8.55 1.07
N THR D 95 -10.55 -8.54 1.08
CA THR D 95 -10.16 -8.30 -0.30
CA THR D 95 -10.14 -8.28 -0.29
C THR D 95 -8.69 -8.69 -0.47
C THR D 95 -8.69 -8.72 -0.46
N VAL D 96 -8.36 -9.16 -1.67
CA VAL D 96 -6.99 -9.53 -2.03
C VAL D 96 -6.74 -9.05 -3.46
N GLU D 97 -5.46 -9.09 -3.87
CA GLU D 97 -5.05 -8.59 -5.16
C GLU D 97 -4.60 -9.80 -5.97
N ALA D 98 -5.23 -9.99 -7.13
CA ALA D 98 -4.92 -11.12 -8.02
C ALA D 98 -4.51 -10.61 -9.41
N LEU D 99 -4.30 -11.56 -10.31
CA LEU D 99 -3.72 -11.23 -11.61
C LEU D 99 -4.79 -10.96 -12.68
N ARG D 100 -5.51 -12.01 -13.10
CA ARG D 100 -6.65 -11.91 -14.03
C ARG D 100 -7.06 -13.30 -14.52
N SER E 1 20.11 35.78 -8.63
CA SER E 1 19.99 34.69 -9.60
C SER E 1 18.54 34.21 -9.71
N SER E 2 17.64 34.97 -9.09
CA SER E 2 16.24 34.58 -9.00
C SER E 2 15.47 34.87 -10.27
N GLN E 3 14.63 33.93 -10.66
CA GLN E 3 13.56 34.14 -11.60
C GLN E 3 12.37 33.30 -11.13
N GLN E 4 11.19 33.89 -11.18
CA GLN E 4 9.98 33.16 -10.88
C GLN E 4 9.64 32.34 -12.13
N VAL E 5 9.17 31.12 -11.92
CA VAL E 5 8.77 30.22 -12.98
C VAL E 5 7.46 29.56 -12.56
N TRP E 6 6.59 29.34 -13.55
CA TRP E 6 5.35 28.61 -13.35
C TRP E 6 5.63 27.13 -13.30
N LYS E 7 4.81 26.41 -12.51
CA LYS E 7 4.87 24.95 -12.44
C LYS E 7 3.48 24.43 -12.72
N LEU E 8 3.31 23.77 -13.87
CA LEU E 8 2.03 23.18 -14.25
C LEU E 8 1.99 21.71 -13.85
N VAL E 9 0.95 21.31 -13.12
CA VAL E 9 0.78 19.91 -12.70
C VAL E 9 -0.38 19.31 -13.48
N ILE E 10 -0.16 18.13 -14.07
CA ILE E 10 -1.23 17.36 -14.70
C ILE E 10 -1.21 15.96 -14.14
N ILE E 11 -2.31 15.54 -13.55
CA ILE E 11 -2.43 14.18 -13.04
C ILE E 11 -3.48 13.50 -13.89
N THR E 12 -3.13 12.36 -14.50
CA THR E 12 -4.01 11.77 -15.49
C THR E 12 -3.79 10.26 -15.57
N GLU E 13 -4.51 9.63 -16.49
CA GLU E 13 -4.37 8.19 -16.67
C GLU E 13 -3.03 7.87 -17.33
N GLU E 14 -2.39 6.81 -16.82
CA GLU E 14 -1.13 6.39 -17.36
C GLU E 14 -1.21 6.12 -18.86
N ILE E 15 -2.37 5.62 -19.32
CA ILE E 15 -2.57 5.36 -20.75
C ILE E 15 -2.48 6.63 -21.58
N LEU E 16 -2.49 7.82 -20.96
CA LEU E 16 -2.30 9.05 -21.71
C LEU E 16 -0.88 9.56 -21.71
N LEU E 17 0.09 8.74 -21.28
CA LEU E 17 1.46 9.24 -21.06
C LEU E 17 2.06 9.82 -22.33
N LYS E 18 1.93 9.12 -23.45
CA LYS E 18 2.53 9.56 -24.70
C LYS E 18 1.85 10.81 -25.23
N LYS E 19 0.52 10.84 -25.18
CA LYS E 19 -0.25 11.96 -25.72
C LYS E 19 0.07 13.26 -24.99
N VAL E 20 0.06 13.26 -23.65
CA VAL E 20 0.29 14.51 -22.93
C VAL E 20 1.72 14.96 -23.10
N SER E 21 2.66 14.01 -23.13
CA SER E 21 4.07 14.34 -23.35
C SER E 21 4.28 14.99 -24.71
N LYS E 22 3.49 14.59 -25.72
CA LYS E 22 3.59 15.22 -27.03
C LYS E 22 3.01 16.61 -26.98
N ILE E 23 1.88 16.77 -26.27
CA ILE E 23 1.33 18.11 -26.07
C ILE E 23 2.35 19.01 -25.38
N ILE E 24 3.00 18.52 -24.32
CA ILE E 24 3.98 19.36 -23.62
C ILE E 24 5.10 19.75 -24.57
N LYS E 25 5.71 18.76 -25.23
CA LYS E 25 6.86 19.03 -26.08
C LYS E 25 6.49 19.95 -27.25
N GLU E 26 5.34 19.69 -27.89
CA GLU E 26 4.98 20.45 -29.08
C GLU E 26 4.56 21.87 -28.77
N ALA E 27 4.23 22.18 -27.54
CA ALA E 27 3.90 23.54 -27.17
C ALA E 27 5.13 24.40 -26.89
N GLY E 28 6.31 23.78 -26.78
CA GLY E 28 7.53 24.55 -26.59
C GLY E 28 8.26 24.39 -25.27
N ALA E 29 7.80 23.55 -24.34
CA ALA E 29 8.40 23.58 -23.02
C ALA E 29 9.80 22.98 -23.03
N SER E 30 10.66 23.49 -22.15
CA SER E 30 12.03 22.97 -22.07
C SER E 30 12.08 21.52 -21.65
N GLY E 31 11.01 21.00 -21.05
CA GLY E 31 10.89 19.58 -20.81
C GLY E 31 9.76 19.30 -19.83
N TYR E 32 9.86 18.18 -19.12
CA TYR E 32 8.84 17.81 -18.14
C TYR E 32 9.33 16.68 -17.25
N THR E 33 8.66 16.51 -16.11
CA THR E 33 8.89 15.38 -15.22
C THR E 33 7.59 14.64 -14.99
N VAL E 34 7.67 13.31 -14.96
CA VAL E 34 6.52 12.48 -14.72
C VAL E 34 6.87 11.55 -13.57
N LEU E 35 5.88 11.32 -12.71
CA LEU E 35 5.98 10.44 -11.56
C LEU E 35 4.79 9.50 -11.61
N ALA E 36 4.99 8.26 -11.16
CA ALA E 36 3.85 7.35 -11.05
C ALA E 36 3.07 7.69 -9.79
N ALA E 37 1.75 7.59 -9.90
CA ALA E 37 0.89 8.04 -8.80
C ALA E 37 -0.33 7.14 -8.72
N ALA E 38 -0.98 7.15 -7.57
CA ALA E 38 -2.28 6.51 -7.46
C ALA E 38 -3.20 7.55 -6.84
N GLY E 39 -4.47 7.24 -6.77
CA GLY E 39 -5.37 8.22 -6.20
C GLY E 39 -6.80 7.83 -6.40
N GLU E 40 -7.68 8.63 -5.82
CA GLU E 40 -9.10 8.55 -6.05
C GLU E 40 -9.62 9.96 -6.33
N GLY E 41 -10.73 10.04 -7.05
CA GLY E 41 -11.41 11.30 -7.30
C GLY E 41 -12.90 11.08 -7.50
N SER E 42 -13.46 11.75 -8.53
CA SER E 42 -14.91 11.75 -8.80
C SER E 42 -15.23 10.90 -10.03
N ARG E 43 -15.78 9.72 -9.78
CA ARG E 43 -16.06 8.72 -10.82
C ARG E 43 -17.57 8.49 -10.99
N ALA E 56 -3.29 1.12 -6.52
CA ALA E 56 -2.68 0.76 -7.82
C ALA E 56 -2.23 2.02 -8.57
N TYR E 57 -0.93 2.15 -8.81
CA TYR E 57 -0.41 3.40 -9.33
C TYR E 57 -0.84 3.54 -10.79
N SER E 58 -2.16 3.70 -10.97
CA SER E 58 -2.73 3.63 -12.31
C SER E 58 -2.54 4.92 -13.06
N ASN E 59 -2.27 6.01 -12.36
CA ASN E 59 -2.22 7.29 -13.04
C ASN E 59 -0.80 7.84 -13.02
N ILE E 60 -0.61 8.99 -13.66
CA ILE E 60 0.70 9.62 -13.75
C ILE E 60 0.55 11.10 -13.38
N LYS E 61 1.61 11.67 -12.83
CA LYS E 61 1.61 13.06 -12.43
C LYS E 61 2.67 13.77 -13.26
N PHE E 62 2.23 14.74 -14.05
CA PHE E 62 3.11 15.59 -14.84
C PHE E 62 3.45 16.87 -14.10
N GLU E 63 4.74 17.21 -14.11
CA GLU E 63 5.23 18.51 -13.66
C GLU E 63 5.98 19.19 -14.81
N VAL E 64 5.55 20.41 -15.15
CA VAL E 64 6.09 21.14 -16.32
C VAL E 64 6.49 22.55 -15.88
N LEU E 65 7.78 22.85 -15.89
CA LEU E 65 8.25 24.18 -15.51
C LEU E 65 8.45 25.03 -16.77
N THR E 66 7.78 26.18 -16.82
CA THR E 66 7.98 27.13 -17.91
C THR E 66 7.97 28.54 -17.35
N ALA E 67 8.90 29.38 -17.85
CA ALA E 67 8.96 30.77 -17.37
C ALA E 67 7.77 31.61 -17.86
N SER E 68 7.08 31.17 -18.92
CA SER E 68 5.96 31.89 -19.50
C SER E 68 4.64 31.33 -18.99
N ARG E 69 3.80 32.19 -18.39
CA ARG E 69 2.46 31.77 -18.01
C ARG E 69 1.62 31.40 -19.23
N GLU E 70 1.86 32.08 -20.36
CA GLU E 70 1.15 31.75 -21.59
C GLU E 70 1.43 30.34 -22.07
N LEU E 71 2.68 29.90 -21.92
CA LEU E 71 2.99 28.53 -22.31
C LEU E 71 2.35 27.53 -21.34
N ALA E 72 2.39 27.83 -20.04
CA ALA E 72 1.63 27.06 -19.06
C ALA E 72 0.16 26.98 -19.44
N ASP E 73 -0.48 28.14 -19.67
CA ASP E 73 -1.91 28.13 -19.99
C ASP E 73 -2.17 27.39 -21.29
N GLN E 74 -1.27 27.51 -22.27
CA GLN E 74 -1.41 26.81 -23.55
C GLN E 74 -1.50 25.31 -23.35
N ILE E 75 -0.49 24.73 -22.67
CA ILE E 75 -0.49 23.30 -22.36
C ILE E 75 -1.77 22.89 -21.65
N GLN E 76 -2.11 23.57 -20.55
CA GLN E 76 -3.29 23.21 -19.76
C GLN E 76 -4.57 23.19 -20.59
N ASP E 77 -4.91 24.32 -21.20
CA ASP E 77 -6.05 24.41 -22.12
C ASP E 77 -6.10 23.24 -23.10
N LYS E 78 -4.97 22.94 -23.75
CA LYS E 78 -4.93 21.84 -24.73
C LYS E 78 -5.28 20.50 -24.11
N VAL E 79 -4.70 20.21 -22.93
CA VAL E 79 -4.90 18.92 -22.27
C VAL E 79 -6.34 18.80 -21.78
N VAL E 80 -6.88 19.89 -21.20
CA VAL E 80 -8.27 19.89 -20.79
C VAL E 80 -9.18 19.61 -22.00
N ALA E 81 -9.01 20.39 -23.08
CA ALA E 81 -9.87 20.26 -24.28
C ALA E 81 -10.07 18.82 -24.69
N LYS E 82 -8.99 18.05 -24.76
CA LYS E 82 -9.04 16.72 -25.35
C LYS E 82 -9.43 15.61 -24.39
N TYR E 83 -9.05 15.71 -23.11
CA TYR E 83 -9.11 14.57 -22.22
C TYR E 83 -9.94 14.78 -20.94
N PHE E 84 -10.33 16.01 -20.62
CA PHE E 84 -11.07 16.27 -19.38
C PHE E 84 -12.43 15.54 -19.36
N ASP E 85 -13.13 15.54 -20.49
CA ASP E 85 -14.47 14.95 -20.54
C ASP E 85 -14.45 13.44 -20.36
N ASP E 86 -13.45 12.75 -20.91
CA ASP E 86 -13.47 11.29 -20.97
C ASP E 86 -12.42 10.60 -20.12
N TYR E 87 -11.49 11.32 -19.51
CA TYR E 87 -10.42 10.68 -18.77
C TYR E 87 -10.33 11.30 -17.38
N SER E 88 -9.83 10.49 -16.43
CA SER E 88 -9.42 11.04 -15.15
C SER E 88 -8.35 12.08 -15.38
N CYS E 89 -8.60 13.30 -14.92
CA CYS E 89 -7.69 14.40 -15.24
C CYS E 89 -7.94 15.56 -14.29
N ILE E 90 -6.91 15.97 -13.54
CA ILE E 90 -6.91 17.25 -12.86
C ILE E 90 -5.63 17.99 -13.21
N THR E 91 -5.65 19.30 -12.94
N THR E 91 -5.68 19.33 -13.08
CA THR E 91 -4.49 20.12 -13.23
CA THR E 91 -4.56 20.21 -13.35
C THR E 91 -4.58 21.41 -12.43
C THR E 91 -4.59 21.38 -12.39
N TYR E 92 -3.42 21.98 -12.14
CA TYR E 92 -3.32 23.20 -11.35
C TYR E 92 -1.94 23.77 -11.58
N ILE E 93 -1.76 25.04 -11.19
CA ILE E 93 -0.53 25.77 -11.47
C ILE E 93 -0.06 26.48 -10.21
N SER E 94 1.25 26.54 -10.04
CA SER E 94 1.80 27.31 -8.94
C SER E 94 3.04 28.02 -9.47
N THR E 95 3.75 28.70 -8.56
N THR E 95 3.74 28.71 -8.57
CA THR E 95 5.01 29.36 -8.91
CA THR E 95 5.01 29.37 -8.92
C THR E 95 6.08 28.91 -7.93
C THR E 95 6.08 28.96 -7.92
N VAL E 96 7.30 28.80 -8.43
CA VAL E 96 8.48 28.50 -7.64
C VAL E 96 9.55 29.51 -8.02
N GLU E 97 10.69 29.46 -7.33
CA GLU E 97 11.84 30.31 -7.59
C GLU E 97 12.97 29.46 -8.18
N ALA E 98 13.45 29.83 -9.36
CA ALA E 98 14.49 29.06 -10.03
C ALA E 98 15.71 29.93 -10.32
N LEU E 99 16.81 29.27 -10.63
CA LEU E 99 18.02 29.97 -11.03
C LEU E 99 17.96 30.28 -12.52
N ARG E 100 18.29 31.53 -12.87
CA ARG E 100 18.16 31.98 -14.25
C ARG E 100 18.89 31.07 -15.24
N ALA E 101 20.02 30.49 -14.85
CA ALA E 101 20.75 29.57 -15.72
C ALA E 101 19.98 28.28 -16.04
N SER F 2 1.91 26.70 11.40
CA SER F 2 2.47 27.51 12.47
C SER F 2 3.93 27.90 12.16
N GLN F 3 4.38 27.68 10.90
CA GLN F 3 5.77 27.87 10.54
C GLN F 3 6.03 27.84 9.02
N GLN F 4 6.53 28.96 8.48
CA GLN F 4 6.92 29.02 7.09
C GLN F 4 8.28 28.36 6.91
N VAL F 5 8.39 27.45 5.94
CA VAL F 5 9.64 26.77 5.64
C VAL F 5 9.86 26.72 4.13
N TRP F 6 11.09 26.41 3.73
CA TRP F 6 11.48 26.38 2.33
C TRP F 6 11.62 24.95 1.82
N LYS F 7 10.99 24.69 0.68
CA LYS F 7 11.09 23.40 0.03
C LYS F 7 12.00 23.55 -1.20
N LEU F 8 13.18 22.95 -1.13
CA LEU F 8 14.08 22.88 -2.27
C LEU F 8 13.85 21.57 -3.03
N VAL F 9 13.57 21.69 -4.31
CA VAL F 9 13.46 20.54 -5.18
C VAL F 9 14.73 20.37 -5.99
N ILE F 10 15.19 19.14 -6.14
CA ILE F 10 16.35 18.79 -6.96
C ILE F 10 15.97 17.58 -7.80
N ILE F 11 15.90 17.75 -9.10
CA ILE F 11 15.62 16.65 -10.02
C ILE F 11 16.91 16.34 -10.80
N THR F 12 17.41 15.12 -10.66
CA THR F 12 18.70 14.77 -11.21
C THR F 12 18.69 13.29 -11.57
N GLU F 13 19.87 12.77 -11.97
CA GLU F 13 20.01 11.41 -12.43
C GLU F 13 20.00 10.42 -11.27
N GLU F 14 19.49 9.23 -11.56
CA GLU F 14 19.33 8.17 -10.56
C GLU F 14 20.64 7.83 -9.87
N ILE F 15 21.77 7.95 -10.58
CA ILE F 15 23.05 7.49 -10.05
C ILE F 15 23.59 8.41 -8.95
N LEU F 16 23.23 9.68 -8.96
CA LEU F 16 23.75 10.63 -7.98
C LEU F 16 23.04 10.53 -6.64
N LEU F 17 22.41 9.38 -6.36
CA LEU F 17 21.56 9.27 -5.18
C LEU F 17 22.36 9.48 -3.90
N LYS F 18 23.42 8.69 -3.70
CA LYS F 18 24.23 8.77 -2.48
C LYS F 18 24.85 10.15 -2.29
N LYS F 19 25.47 10.68 -3.35
CA LYS F 19 26.24 11.92 -3.24
C LYS F 19 25.35 13.11 -2.85
N VAL F 20 24.25 13.31 -3.58
CA VAL F 20 23.31 14.38 -3.24
C VAL F 20 22.74 14.18 -1.83
N SER F 21 22.51 12.93 -1.44
CA SER F 21 22.00 12.73 -0.09
C SER F 21 22.97 13.25 0.96
N LYS F 22 24.26 12.92 0.77
CA LYS F 22 25.28 13.42 1.70
C LYS F 22 25.29 14.94 1.74
N ILE F 23 25.40 15.58 0.57
CA ILE F 23 25.39 17.03 0.50
C ILE F 23 24.19 17.61 1.22
N ILE F 24 23.04 16.93 1.12
CA ILE F 24 21.85 17.38 1.84
C ILE F 24 22.04 17.23 3.34
N LYS F 25 22.54 16.06 3.77
CA LYS F 25 22.65 15.79 5.21
C LYS F 25 23.87 16.43 5.83
N GLU F 26 24.99 16.46 5.10
CA GLU F 26 26.16 17.20 5.55
C GLU F 26 25.81 18.64 5.88
N ALA F 27 25.08 19.31 4.97
CA ALA F 27 24.63 20.69 5.20
C ALA F 27 23.74 20.84 6.43
N GLY F 28 23.28 19.74 7.02
CA GLY F 28 22.47 19.83 8.23
C GLY F 28 20.98 20.05 8.03
N ALA F 29 20.40 19.39 7.03
CA ALA F 29 18.95 19.41 6.84
C ALA F 29 18.31 18.30 7.64
N SER F 30 17.13 18.58 8.21
CA SER F 30 16.42 17.59 9.03
C SER F 30 16.38 16.21 8.35
N GLY F 31 16.12 16.21 7.05
CA GLY F 31 16.01 14.98 6.30
C GLY F 31 15.75 15.33 4.86
N TYR F 32 15.06 14.45 4.14
CA TYR F 32 14.71 14.71 2.75
C TYR F 32 13.70 13.64 2.31
N THR F 33 13.00 13.94 1.21
CA THR F 33 12.18 12.92 0.54
C THR F 33 12.59 12.78 -0.91
N VAL F 34 12.62 11.54 -1.41
CA VAL F 34 13.06 11.28 -2.77
C VAL F 34 12.03 10.41 -3.49
N LEU F 35 11.69 10.80 -4.71
CA LEU F 35 10.71 10.10 -5.55
C LEU F 35 11.37 9.70 -6.86
N ALA F 36 11.12 8.48 -7.29
CA ALA F 36 11.55 8.07 -8.63
C ALA F 36 10.76 8.82 -9.67
N ALA F 37 11.44 9.23 -10.75
CA ALA F 37 10.81 10.07 -11.75
C ALA F 37 11.39 9.74 -13.12
N ALA F 38 10.66 10.16 -14.15
CA ALA F 38 11.11 10.10 -15.54
C ALA F 38 10.86 11.46 -16.16
N GLY F 39 11.34 11.68 -17.37
CA GLY F 39 11.03 12.92 -18.04
C GLY F 39 11.96 13.16 -19.20
N GLU F 40 11.94 14.41 -19.66
CA GLU F 40 12.72 14.85 -20.80
C GLU F 40 13.12 16.29 -20.55
N GLY F 41 14.33 16.63 -20.98
CA GLY F 41 14.84 17.99 -20.84
C GLY F 41 15.42 18.53 -22.14
N SER F 42 16.47 19.35 -22.01
CA SER F 42 17.03 20.13 -23.11
C SER F 42 18.53 20.30 -22.98
N ALA F 56 13.54 3.91 -18.06
CA ALA F 56 12.19 4.39 -17.80
C ALA F 56 12.24 5.50 -16.76
N TYR F 57 12.06 5.11 -15.50
CA TYR F 57 12.12 6.10 -14.42
C TYR F 57 13.56 6.24 -13.91
N SER F 58 14.39 6.86 -14.77
CA SER F 58 15.82 6.99 -14.54
C SER F 58 16.21 8.32 -13.90
N ASN F 59 15.25 9.09 -13.39
CA ASN F 59 15.52 10.30 -12.63
C ASN F 59 15.07 10.11 -11.17
N ILE F 60 15.56 11.00 -10.29
CA ILE F 60 15.03 11.12 -8.92
C ILE F 60 14.70 12.59 -8.63
N LYS F 61 13.60 12.80 -7.91
CA LYS F 61 13.19 14.12 -7.43
C LYS F 61 13.40 14.16 -5.93
N PHE F 62 14.30 15.02 -5.50
CA PHE F 62 14.51 15.34 -4.12
C PHE F 62 13.62 16.48 -3.70
N GLU F 63 13.09 16.38 -2.48
CA GLU F 63 12.40 17.46 -1.81
C GLU F 63 13.01 17.62 -0.43
N VAL F 64 13.58 18.80 -0.16
CA VAL F 64 14.24 19.09 1.12
C VAL F 64 13.53 20.27 1.75
N LEU F 65 12.98 20.06 2.95
CA LEU F 65 12.34 21.14 3.69
C LEU F 65 13.34 21.74 4.66
N THR F 66 13.28 23.09 4.82
CA THR F 66 14.19 23.85 5.67
C THR F 66 13.46 25.03 6.32
N ALA F 67 13.87 25.38 7.55
CA ALA F 67 13.19 26.50 8.18
C ALA F 67 13.70 27.84 7.67
N SER F 68 14.91 27.87 7.10
CA SER F 68 15.53 29.09 6.62
C SER F 68 15.74 29.03 5.11
N ARG F 69 15.45 30.15 4.44
CA ARG F 69 15.91 30.34 3.08
C ARG F 69 17.41 30.17 2.97
N GLU F 70 18.14 30.46 4.04
CA GLU F 70 19.60 30.41 4.00
C GLU F 70 20.09 29.01 3.66
N LEU F 71 19.63 28.00 4.41
CA LEU F 71 20.08 26.62 4.17
C LEU F 71 19.62 26.12 2.81
N ALA F 72 18.38 26.45 2.41
CA ALA F 72 17.91 26.03 1.09
C ALA F 72 18.87 26.51 0.00
N ASP F 73 19.32 27.77 0.06
CA ASP F 73 20.24 28.25 -0.97
C ASP F 73 21.60 27.56 -0.86
N GLN F 74 22.07 27.27 0.37
CA GLN F 74 23.40 26.70 0.53
C GLN F 74 23.49 25.29 -0.05
N ILE F 75 22.43 24.48 0.08
CA ILE F 75 22.41 23.14 -0.51
C ILE F 75 22.33 23.24 -2.03
N GLN F 76 21.47 24.15 -2.52
CA GLN F 76 21.20 24.22 -3.95
C GLN F 76 22.47 24.49 -4.77
N ASP F 77 23.22 25.53 -4.41
CA ASP F 77 24.41 25.84 -5.22
C ASP F 77 25.56 24.88 -4.92
N LYS F 78 25.63 24.33 -3.71
CA LYS F 78 26.61 23.29 -3.41
C LYS F 78 26.41 22.07 -4.29
N VAL F 79 25.15 21.78 -4.65
CA VAL F 79 24.86 20.70 -5.60
C VAL F 79 25.03 21.19 -7.04
N VAL F 80 24.49 22.38 -7.36
CA VAL F 80 24.57 22.89 -8.73
C VAL F 80 26.02 22.99 -9.19
N ALA F 81 26.87 23.59 -8.35
CA ALA F 81 28.27 23.75 -8.70
C ALA F 81 28.90 22.41 -9.05
N LYS F 82 28.89 21.47 -8.13
CA LYS F 82 29.63 20.24 -8.35
C LYS F 82 28.98 19.35 -9.40
N TYR F 83 27.75 19.63 -9.83
CA TYR F 83 27.08 18.64 -10.69
C TYR F 83 26.36 19.20 -11.90
N PHE F 84 26.01 20.49 -11.95
CA PHE F 84 25.16 21.00 -13.04
C PHE F 84 25.76 20.75 -14.42
N ASP F 85 27.09 20.76 -14.52
CA ASP F 85 27.76 20.75 -15.83
C ASP F 85 27.71 19.38 -16.50
N ASP F 86 28.01 18.32 -15.75
CA ASP F 86 28.25 17.00 -16.33
C ASP F 86 27.04 16.07 -16.27
N TYR F 87 26.04 16.38 -15.45
CA TYR F 87 24.87 15.53 -15.22
C TYR F 87 23.60 16.37 -15.39
N SER F 88 22.49 15.67 -15.63
CA SER F 88 21.19 16.33 -15.63
C SER F 88 20.82 16.75 -14.20
N CYS F 89 20.40 18.01 -14.05
CA CYS F 89 20.26 18.60 -12.72
C CYS F 89 19.40 19.84 -12.84
N ILE F 90 18.23 19.84 -12.19
CA ILE F 90 17.43 21.05 -12.15
C ILE F 90 16.96 21.23 -10.72
N THR F 91 16.73 22.50 -10.35
N THR F 91 16.86 22.50 -10.31
CA THR F 91 16.38 22.76 -8.97
CA THR F 91 16.42 22.85 -8.97
C THR F 91 15.65 24.10 -8.88
C THR F 91 15.47 24.02 -9.04
N TYR F 92 14.67 24.14 -7.99
CA TYR F 92 13.87 25.32 -7.72
C TYR F 92 13.50 25.28 -6.25
N ILE F 93 13.03 26.42 -5.76
CA ILE F 93 12.67 26.61 -4.36
C ILE F 93 11.27 27.18 -4.33
N SER F 94 10.49 26.79 -3.31
CA SER F 94 9.20 27.41 -3.00
C SER F 94 8.99 27.40 -1.49
N THR F 95 7.85 27.92 -1.06
N THR F 95 7.84 27.91 -1.07
CA THR F 95 7.58 28.02 0.35
CA THR F 95 7.53 28.09 0.34
C THR F 95 6.27 27.32 0.70
C THR F 95 6.26 27.32 0.69
N VAL F 96 6.23 26.74 1.89
CA VAL F 96 5.07 26.00 2.36
C VAL F 96 4.86 26.31 3.84
N GLU F 97 3.73 25.89 4.36
CA GLU F 97 3.33 26.15 5.73
C GLU F 97 3.31 24.84 6.47
N ALA F 98 4.29 24.65 7.37
CA ALA F 98 4.34 23.53 8.31
C ALA F 98 3.79 23.97 9.66
N LEU F 99 3.64 23.01 10.56
CA LEU F 99 3.03 23.32 11.84
C LEU F 99 4.09 23.48 12.94
N ARG F 100 3.61 23.91 14.12
CA ARG F 100 4.35 24.12 15.37
C ARG F 100 5.68 23.37 15.46
N ALA F 101 5.63 22.04 15.41
CA ALA F 101 6.79 21.18 15.59
C ALA F 101 7.07 20.37 14.33
#